data_7UL5
#
_entry.id   7UL5
#
_cell.length_a   1.00
_cell.length_b   1.00
_cell.length_c   1.00
_cell.angle_alpha   90.00
_cell.angle_beta   90.00
_cell.angle_gamma   90.00
#
_symmetry.space_group_name_H-M   'P 1'
#
loop_
_entity.id
_entity.type
_entity.pdbx_description
1 polymer 'Somatostatin receptor type 2'
2 polymer 'Nanobody 6'
#
loop_
_entity_poly.entity_id
_entity_poly.type
_entity_poly.pdbx_seq_one_letter_code
_entity_poly.pdbx_strand_id
1 'polypeptide(L)'
;DYKDDDDAMGQPGNGSAFLLAPNRSHAPDHDVENLYFQGMDMADEPLNGSHTWLSIPFDLNGSVVSTNTSNQTEPYYDLT
SNAVLTFIYFVVCIIGLCGNTLVIYVILRYAKMKTITNIYILNLAIADELFMLGLPFLAMQVALVHWPFGKAICRVVMTV
DGINQFTSIFCLTVMSIDRYLAVVHPIKSAKWRRPRTAKMITMAVWGVSLLVILPIMIYAGLRSNQWGRSSCTINWPGES
GAWYTGFIIYTFILGFLVPLTIICLCYLFIIIKVKSVRLLSGSREKDRNLRRVTRMVSIVVAVFIFCWLPFYIFNVSSVS
MAISPTPALKGMFDFVVVLTYANSCANPILYAFLSDNFKKSFQNVLCLVKVSGTDDGERSDSKQDKSRLNETTETQRTLL
NGDLQTSILEVLFQ
;
A
2 'polypeptide(L)'
;MAQVQLQESGGGLVQAGESLRLSCAASGTIFRLYDMGWYRRVSGNQRELVASITSGGSTKYGDSVKGRFTISRDNAKNTV
YLQMSSLKPEDTAVYYCNAEYRTGIWEELLDGWGQGTQVTVSSHHHHHHEPEA
;
D
#
# COMPACT_ATOMS: atom_id res chain seq x y z
N LEU A 79 15.55 28.90 -22.43
CA LEU A 79 15.79 28.49 -21.05
C LEU A 79 15.65 26.97 -20.91
N THR A 80 16.45 26.41 -19.99
CA THR A 80 16.56 24.96 -19.88
C THR A 80 15.57 24.39 -18.86
N SER A 81 15.39 25.08 -17.73
CA SER A 81 14.55 24.57 -16.66
C SER A 81 13.12 24.36 -17.15
N ASN A 82 12.57 25.33 -17.86
CA ASN A 82 11.21 25.21 -18.37
C ASN A 82 11.08 24.04 -19.33
N ALA A 83 12.09 23.85 -20.18
CA ALA A 83 12.02 22.78 -21.17
C ALA A 83 12.08 21.41 -20.52
N VAL A 84 12.97 21.24 -19.53
CA VAL A 84 13.08 19.94 -18.89
C VAL A 84 11.85 19.65 -18.04
N LEU A 85 11.31 20.67 -17.36
CA LEU A 85 10.10 20.43 -16.59
C LEU A 85 8.87 20.19 -17.47
N THR A 86 8.89 20.67 -18.71
CA THR A 86 7.79 20.37 -19.62
C THR A 86 7.91 18.95 -20.15
N PHE A 87 9.13 18.54 -20.50
CA PHE A 87 9.32 17.17 -20.96
C PHE A 87 8.91 16.19 -19.86
N ILE A 88 9.28 16.49 -18.62
CA ILE A 88 8.95 15.60 -17.51
C ILE A 88 7.44 15.53 -17.31
N TYR A 89 6.75 16.68 -17.37
CA TYR A 89 5.30 16.67 -17.23
C TYR A 89 4.64 15.82 -18.30
N PHE A 90 5.08 15.94 -19.55
CA PHE A 90 4.43 15.18 -20.62
C PHE A 90 4.71 13.68 -20.51
N VAL A 91 5.93 13.31 -20.14
CA VAL A 91 6.26 11.90 -19.91
C VAL A 91 5.35 11.32 -18.82
N VAL A 92 5.27 12.02 -17.68
CA VAL A 92 4.43 11.57 -16.58
C VAL A 92 2.98 11.42 -17.05
N CYS A 93 2.48 12.37 -17.83
CA CYS A 93 1.09 12.32 -18.26
C CYS A 93 0.81 11.10 -19.12
N ILE A 94 1.70 10.83 -20.09
CA ILE A 94 1.49 9.68 -20.97
C ILE A 94 1.52 8.37 -20.20
N ILE A 95 2.54 8.20 -19.35
CA ILE A 95 2.68 6.95 -18.60
C ILE A 95 1.44 6.72 -17.73
N GLY A 96 1.03 7.76 -17.00
CA GLY A 96 -0.11 7.59 -16.10
C GLY A 96 -1.40 7.29 -16.84
N LEU A 97 -1.63 7.96 -17.97
CA LEU A 97 -2.85 7.71 -18.73
C LEU A 97 -2.91 6.27 -19.21
N CYS A 98 -1.82 5.77 -19.77
CA CYS A 98 -1.80 4.37 -20.23
C CYS A 98 -2.06 3.42 -19.07
N GLY A 99 -1.30 3.56 -17.98
CA GLY A 99 -1.44 2.64 -16.87
C GLY A 99 -2.85 2.60 -16.31
N ASN A 100 -3.42 3.77 -16.03
CA ASN A 100 -4.72 3.80 -15.36
C ASN A 100 -5.84 3.37 -16.30
N THR A 101 -5.74 3.67 -17.60
CA THR A 101 -6.75 3.16 -18.52
C THR A 101 -6.72 1.64 -18.57
N LEU A 102 -5.52 1.06 -18.62
CA LEU A 102 -5.41 -0.40 -18.63
C LEU A 102 -6.02 -1.00 -17.35
N VAL A 103 -5.73 -0.41 -16.19
CA VAL A 103 -6.25 -0.93 -14.94
C VAL A 103 -7.78 -0.89 -14.91
N ILE A 104 -8.36 0.26 -15.31
CA ILE A 104 -9.81 0.39 -15.29
C ILE A 104 -10.45 -0.63 -16.22
N TYR A 105 -9.91 -0.76 -17.43
CA TYR A 105 -10.48 -1.70 -18.40
C TYR A 105 -10.44 -3.12 -17.86
N VAL A 106 -9.29 -3.52 -17.30
CA VAL A 106 -9.15 -4.89 -16.82
C VAL A 106 -10.10 -5.17 -15.67
N ILE A 107 -10.29 -4.20 -14.77
CA ILE A 107 -11.19 -4.47 -13.64
C ILE A 107 -12.64 -4.54 -14.13
N LEU A 108 -13.02 -3.72 -15.10
CA LEU A 108 -14.43 -3.73 -15.50
C LEU A 108 -14.77 -4.89 -16.43
N ARG A 109 -13.82 -5.39 -17.22
CA ARG A 109 -14.17 -6.36 -18.25
C ARG A 109 -14.32 -7.76 -17.70
N TYR A 110 -13.35 -8.23 -16.92
CA TYR A 110 -13.27 -9.63 -16.53
C TYR A 110 -14.11 -9.90 -15.28
N ALA A 111 -14.57 -11.14 -15.15
CA ALA A 111 -15.43 -11.52 -14.03
C ALA A 111 -14.68 -12.17 -12.88
N LYS A 112 -13.46 -12.68 -13.11
CA LYS A 112 -12.64 -13.19 -12.03
C LYS A 112 -12.07 -12.08 -11.15
N MET A 113 -11.96 -10.87 -11.70
CA MET A 113 -11.31 -9.75 -11.04
C MET A 113 -12.27 -8.86 -10.27
N LYS A 114 -13.45 -9.36 -9.92
CA LYS A 114 -14.43 -8.58 -9.17
C LYS A 114 -14.40 -9.05 -7.71
N THR A 115 -13.63 -8.33 -6.90
CA THR A 115 -13.50 -8.61 -5.47
C THR A 115 -13.80 -7.36 -4.67
N ILE A 116 -13.51 -7.36 -3.38
CA ILE A 116 -13.85 -6.22 -2.54
C ILE A 116 -12.77 -5.16 -2.56
N THR A 117 -11.50 -5.55 -2.77
CA THR A 117 -10.42 -4.58 -2.79
C THR A 117 -10.33 -3.88 -4.15
N ASN A 118 -10.81 -4.55 -5.21
CA ASN A 118 -10.71 -3.96 -6.53
C ASN A 118 -11.67 -2.80 -6.72
N ILE A 119 -12.70 -2.69 -5.89
CA ILE A 119 -13.57 -1.51 -5.91
C ILE A 119 -12.77 -0.27 -5.51
N TYR A 120 -12.04 -0.36 -4.39
CA TYR A 120 -11.23 0.76 -3.95
C TYR A 120 -10.10 1.04 -4.93
N ILE A 121 -9.51 -0.01 -5.50
CA ILE A 121 -8.47 0.17 -6.51
C ILE A 121 -9.04 0.90 -7.72
N LEU A 122 -10.26 0.55 -8.13
CA LEU A 122 -10.89 1.19 -9.28
C LEU A 122 -11.14 2.66 -9.01
N ASN A 123 -11.60 3.00 -7.81
CA ASN A 123 -11.88 4.41 -7.51
C ASN A 123 -10.58 5.22 -7.45
N LEU A 124 -9.52 4.64 -6.90
CA LEU A 124 -8.21 5.29 -6.94
C LEU A 124 -7.76 5.53 -8.37
N ALA A 125 -7.97 4.53 -9.25
CA ALA A 125 -7.59 4.68 -10.65
C ALA A 125 -8.39 5.78 -11.33
N ILE A 126 -9.68 5.90 -11.00
CA ILE A 126 -10.51 6.95 -11.60
C ILE A 126 -10.00 8.33 -11.20
N ALA A 127 -9.64 8.49 -9.93
CA ALA A 127 -9.09 9.78 -9.49
C ALA A 127 -7.79 10.11 -10.22
N ASP A 128 -6.89 9.13 -10.33
CA ASP A 128 -5.63 9.37 -11.04
C ASP A 128 -5.87 9.67 -12.52
N GLU A 129 -6.89 9.06 -13.12
CA GLU A 129 -7.20 9.33 -14.51
C GLU A 129 -7.68 10.77 -14.71
N LEU A 130 -8.52 11.25 -13.80
CA LEU A 130 -8.94 12.64 -13.87
C LEU A 130 -7.74 13.59 -13.79
N PHE A 131 -6.84 13.35 -12.83
CA PHE A 131 -5.66 14.21 -12.73
C PHE A 131 -4.82 14.16 -14.02
N MET A 132 -4.70 12.97 -14.63
CA MET A 132 -3.89 12.84 -15.84
C MET A 132 -4.56 13.55 -17.01
N LEU A 133 -5.89 13.62 -17.01
CA LEU A 133 -6.57 14.41 -18.04
C LEU A 133 -6.38 15.89 -17.82
N GLY A 134 -6.15 16.30 -16.57
CA GLY A 134 -5.95 17.71 -16.30
C GLY A 134 -4.54 18.25 -16.45
N LEU A 135 -3.53 17.38 -16.30
CA LEU A 135 -2.14 17.85 -16.24
C LEU A 135 -1.60 18.57 -17.48
N PRO A 136 -1.99 18.26 -18.72
CA PRO A 136 -1.39 18.96 -19.87
C PRO A 136 -1.55 20.47 -19.85
N PHE A 137 -2.61 21.00 -19.26
CA PHE A 137 -2.76 22.45 -19.19
C PHE A 137 -1.72 23.07 -18.26
N LEU A 138 -1.40 22.39 -17.16
CA LEU A 138 -0.32 22.88 -16.29
C LEU A 138 1.03 22.78 -16.98
N ALA A 139 1.23 21.72 -17.78
CA ALA A 139 2.45 21.65 -18.58
C ALA A 139 2.55 22.81 -19.55
N MET A 140 1.44 23.15 -20.20
CA MET A 140 1.42 24.32 -21.08
C MET A 140 1.77 25.59 -20.32
N GLN A 141 1.08 25.84 -19.19
CA GLN A 141 1.31 27.06 -18.43
C GLN A 141 2.76 27.17 -17.98
N VAL A 142 3.42 26.05 -17.65
CA VAL A 142 4.82 26.17 -17.26
C VAL A 142 5.72 26.31 -18.48
N ALA A 143 5.27 25.88 -19.67
CA ALA A 143 6.06 26.08 -20.88
C ALA A 143 6.14 27.56 -21.24
N LEU A 144 4.99 28.17 -21.54
CA LEU A 144 4.88 29.61 -21.75
C LEU A 144 4.20 30.23 -20.54
N VAL A 145 4.85 31.24 -19.94
CA VAL A 145 4.47 31.70 -18.60
C VAL A 145 3.05 32.22 -18.51
N HIS A 146 2.42 32.52 -19.64
CA HIS A 146 1.04 33.00 -19.68
C HIS A 146 0.05 31.86 -19.45
N TRP A 147 -1.15 32.22 -18.98
CA TRP A 147 -2.26 31.27 -18.93
C TRP A 147 -3.32 31.74 -19.92
N PRO A 148 -3.36 31.18 -21.13
CA PRO A 148 -4.27 31.69 -22.17
C PRO A 148 -5.63 31.00 -22.27
N PHE A 149 -6.02 30.16 -21.31
CA PHE A 149 -7.19 29.30 -21.50
C PHE A 149 -8.46 29.83 -20.84
N GLY A 150 -8.38 30.90 -20.07
CA GLY A 150 -9.57 31.47 -19.45
C GLY A 150 -9.69 31.10 -17.98
N LYS A 151 -10.88 31.39 -17.44
CA LYS A 151 -11.17 31.16 -16.03
C LYS A 151 -12.00 29.89 -15.80
N ALA A 152 -12.86 29.54 -16.76
CA ALA A 152 -13.66 28.33 -16.63
C ALA A 152 -12.78 27.09 -16.62
N ILE A 153 -11.62 27.14 -17.27
CA ILE A 153 -10.69 26.02 -17.24
C ILE A 153 -9.90 26.03 -15.95
N CYS A 154 -9.57 27.22 -15.45
CA CYS A 154 -8.85 27.36 -14.19
C CYS A 154 -9.63 26.71 -13.06
N ARG A 155 -10.95 26.96 -13.02
CA ARG A 155 -11.79 26.38 -11.98
C ARG A 155 -11.70 24.87 -11.98
N VAL A 156 -11.72 24.28 -13.18
CA VAL A 156 -11.76 22.82 -13.31
C VAL A 156 -10.41 22.21 -12.94
N VAL A 157 -9.32 22.88 -13.34
CA VAL A 157 -8.01 22.33 -13.02
C VAL A 157 -7.73 22.43 -11.52
N MET A 158 -8.23 23.46 -10.85
CA MET A 158 -8.03 23.53 -9.40
C MET A 158 -8.87 22.48 -8.69
N THR A 159 -10.11 22.26 -9.16
CA THR A 159 -10.92 21.19 -8.60
C THR A 159 -10.24 19.84 -8.74
N VAL A 160 -9.66 19.56 -9.91
CA VAL A 160 -9.03 18.26 -10.10
C VAL A 160 -7.78 18.12 -9.22
N ASP A 161 -7.02 19.20 -9.04
CA ASP A 161 -5.85 19.11 -8.16
C ASP A 161 -6.25 18.81 -6.72
N GLY A 162 -7.36 19.39 -6.27
CA GLY A 162 -7.84 19.06 -4.93
C GLY A 162 -8.31 17.62 -4.82
N ILE A 163 -8.99 17.12 -5.85
CA ILE A 163 -9.46 15.73 -5.83
C ILE A 163 -8.26 14.79 -5.73
N ASN A 164 -7.20 15.10 -6.47
CA ASN A 164 -5.96 14.32 -6.43
C ASN A 164 -5.32 14.33 -5.04
N GLN A 165 -5.26 15.49 -4.41
CA GLN A 165 -4.66 15.56 -3.06
C GLN A 165 -5.47 14.83 -2.00
N PHE A 166 -6.80 14.86 -2.06
CA PHE A 166 -7.61 14.33 -0.95
C PHE A 166 -8.21 12.94 -1.15
N THR A 167 -8.81 12.66 -2.31
CA THR A 167 -9.49 11.37 -2.47
C THR A 167 -8.51 10.20 -2.42
N SER A 168 -7.29 10.37 -2.93
CA SER A 168 -6.32 9.28 -2.91
C SER A 168 -6.00 8.82 -1.49
N ILE A 169 -5.80 9.76 -0.56
CA ILE A 169 -5.54 9.38 0.82
C ILE A 169 -6.80 8.81 1.47
N PHE A 170 -7.98 9.34 1.13
CA PHE A 170 -9.17 8.78 1.76
C PHE A 170 -9.39 7.33 1.33
N CYS A 171 -9.15 7.04 0.04
CA CYS A 171 -9.26 5.68 -0.46
C CYS A 171 -8.23 4.76 0.20
N LEU A 172 -7.01 5.24 0.40
CA LEU A 172 -6.01 4.40 1.07
C LEU A 172 -6.42 4.11 2.51
N THR A 173 -7.01 5.09 3.20
CA THR A 173 -7.48 4.86 4.57
C THR A 173 -8.57 3.80 4.61
N VAL A 174 -9.52 3.85 3.68
CA VAL A 174 -10.57 2.83 3.69
C VAL A 174 -10.02 1.45 3.35
N MET A 175 -9.04 1.38 2.43
CA MET A 175 -8.41 0.10 2.15
C MET A 175 -7.73 -0.47 3.39
N SER A 176 -7.02 0.36 4.13
CA SER A 176 -6.34 -0.13 5.34
C SER A 176 -7.33 -0.62 6.38
N ILE A 177 -8.43 0.13 6.60
CA ILE A 177 -9.43 -0.33 7.55
C ILE A 177 -10.03 -1.66 7.09
N ASP A 178 -10.24 -1.83 5.79
CA ASP A 178 -10.76 -3.08 5.26
C ASP A 178 -9.82 -4.24 5.52
N ARG A 179 -8.51 -4.02 5.32
CA ARG A 179 -7.54 -5.08 5.57
C ARG A 179 -7.52 -5.45 7.06
N TYR A 180 -7.63 -4.46 7.93
CA TYR A 180 -7.72 -4.74 9.37
C TYR A 180 -8.93 -5.62 9.68
N LEU A 181 -10.11 -5.23 9.19
CA LEU A 181 -11.31 -6.04 9.42
C LEU A 181 -11.14 -7.46 8.87
N ALA A 182 -10.49 -7.59 7.71
CA ALA A 182 -10.40 -8.90 7.07
C ALA A 182 -9.44 -9.81 7.81
N VAL A 183 -8.34 -9.27 8.34
CA VAL A 183 -7.33 -10.10 8.97
C VAL A 183 -7.65 -10.38 10.43
N VAL A 184 -7.98 -9.34 11.21
CA VAL A 184 -8.03 -9.48 12.66
C VAL A 184 -9.39 -10.00 13.14
N HIS A 185 -10.49 -9.50 12.59
CA HIS A 185 -11.84 -9.90 13.00
C HIS A 185 -12.56 -10.58 11.85
N PRO A 186 -12.22 -11.83 11.53
CA PRO A 186 -12.92 -12.52 10.43
C PRO A 186 -14.28 -13.04 10.80
N ILE A 187 -14.57 -13.24 12.09
CA ILE A 187 -15.81 -13.89 12.50
C ILE A 187 -16.95 -12.88 12.57
N LYS A 188 -16.71 -11.75 13.26
CA LYS A 188 -17.77 -10.78 13.50
C LYS A 188 -18.01 -9.91 12.27
N SER A 189 -16.96 -9.53 11.56
CA SER A 189 -17.06 -8.55 10.49
C SER A 189 -17.49 -9.16 9.16
N ALA A 190 -18.11 -10.34 9.18
CA ALA A 190 -18.53 -10.98 7.95
C ALA A 190 -19.66 -10.24 7.27
N LYS A 191 -20.42 -9.42 8.01
CA LYS A 191 -21.55 -8.70 7.43
C LYS A 191 -21.11 -7.42 6.74
N TRP A 192 -20.07 -6.76 7.26
CA TRP A 192 -19.63 -5.48 6.72
C TRP A 192 -18.78 -5.63 5.47
N ARG A 193 -18.60 -6.85 4.97
CA ARG A 193 -17.83 -7.10 3.75
C ARG A 193 -18.75 -7.81 2.77
N ARG A 194 -19.52 -7.03 2.03
CA ARG A 194 -20.45 -7.53 1.03
C ARG A 194 -20.48 -6.53 -0.11
N PRO A 195 -20.64 -6.99 -1.35
CA PRO A 195 -20.49 -6.08 -2.50
C PRO A 195 -21.49 -4.94 -2.50
N ARG A 196 -22.58 -5.03 -1.74
CA ARG A 196 -23.56 -3.96 -1.70
C ARG A 196 -23.15 -2.84 -0.75
N THR A 197 -22.28 -3.14 0.22
CA THR A 197 -21.89 -2.18 1.24
C THR A 197 -20.66 -1.36 0.84
N ALA A 198 -19.85 -1.86 -0.09
CA ALA A 198 -18.65 -1.13 -0.51
C ALA A 198 -19.00 0.09 -1.36
N LYS A 199 -20.04 0.00 -2.18
CA LYS A 199 -20.39 1.11 -3.05
C LYS A 199 -20.86 2.31 -2.22
N MET A 200 -21.57 2.05 -1.12
CA MET A 200 -21.99 3.13 -0.24
C MET A 200 -20.79 3.85 0.37
N ILE A 201 -19.76 3.09 0.75
CA ILE A 201 -18.58 3.69 1.34
C ILE A 201 -17.82 4.51 0.30
N THR A 202 -17.79 4.04 -0.96
CA THR A 202 -17.15 4.81 -2.02
C THR A 202 -17.89 6.12 -2.28
N MET A 203 -19.22 6.06 -2.37
CA MET A 203 -20.00 7.29 -2.54
C MET A 203 -19.77 8.26 -1.38
N ALA A 204 -19.68 7.74 -0.15
CA ALA A 204 -19.41 8.61 0.99
C ALA A 204 -18.01 9.22 0.90
N VAL A 205 -17.04 8.46 0.38
CA VAL A 205 -15.70 9.03 0.18
C VAL A 205 -15.76 10.20 -0.78
N TRP A 206 -16.43 10.02 -1.92
CA TRP A 206 -16.51 11.12 -2.88
C TRP A 206 -17.25 12.32 -2.30
N GLY A 207 -18.36 12.07 -1.57
CA GLY A 207 -19.12 13.17 -1.02
C GLY A 207 -18.36 13.98 0.02
N VAL A 208 -17.59 13.29 0.87
CA VAL A 208 -16.81 14.00 1.87
C VAL A 208 -15.65 14.73 1.19
N SER A 209 -15.07 14.12 0.15
CA SER A 209 -13.97 14.77 -0.54
C SER A 209 -14.44 16.07 -1.17
N LEU A 210 -15.63 16.06 -1.79
CA LEU A 210 -16.14 17.27 -2.40
C LEU A 210 -16.47 18.33 -1.35
N LEU A 211 -16.99 17.91 -0.19
CA LEU A 211 -17.24 18.89 0.87
C LEU A 211 -15.94 19.53 1.36
N VAL A 212 -14.85 18.77 1.39
CA VAL A 212 -13.56 19.34 1.78
C VAL A 212 -13.01 20.25 0.70
N ILE A 213 -13.25 19.91 -0.57
CA ILE A 213 -12.71 20.70 -1.68
C ILE A 213 -13.44 22.03 -1.86
N LEU A 214 -14.71 22.11 -1.44
CA LEU A 214 -15.56 23.28 -1.73
C LEU A 214 -14.87 24.65 -1.69
N PRO A 215 -14.07 25.02 -0.68
CA PRO A 215 -13.49 26.38 -0.66
C PRO A 215 -12.61 26.72 -1.86
N ILE A 216 -11.66 25.84 -2.22
CA ILE A 216 -10.79 26.12 -3.35
C ILE A 216 -11.58 26.13 -4.65
N MET A 217 -12.73 25.44 -4.66
CA MET A 217 -13.63 25.52 -5.80
C MET A 217 -14.31 26.88 -5.86
N ILE A 218 -14.56 27.49 -4.69
CA ILE A 218 -15.23 28.78 -4.66
C ILE A 218 -14.29 29.91 -5.05
N TYR A 219 -13.04 29.88 -4.55
CA TYR A 219 -12.16 31.04 -4.67
C TYR A 219 -11.14 30.96 -5.80
N ALA A 220 -11.13 29.89 -6.59
CA ALA A 220 -10.19 29.79 -7.71
C ALA A 220 -10.43 30.91 -8.71
N GLY A 221 -9.36 31.36 -9.35
CA GLY A 221 -9.46 32.46 -10.28
C GLY A 221 -8.15 32.77 -10.95
N LEU A 222 -8.10 33.96 -11.55
CA LEU A 222 -6.94 34.42 -12.33
C LEU A 222 -6.32 35.67 -11.72
N ARG A 223 -5.00 35.65 -11.56
CA ARG A 223 -4.25 36.76 -10.99
C ARG A 223 -3.30 37.30 -12.05
N SER A 224 -3.33 38.61 -12.25
CA SER A 224 -2.54 39.27 -13.29
C SER A 224 -1.22 39.76 -12.70
N ASN A 225 -0.11 39.33 -13.29
CA ASN A 225 1.21 39.70 -12.79
C ASN A 225 1.57 41.11 -13.23
N GLY A 228 2.76 41.98 -18.59
CA GLY A 228 1.65 41.19 -19.11
C GLY A 228 1.77 39.71 -18.82
N ARG A 229 0.96 39.24 -17.87
CA ARG A 229 0.89 37.83 -17.55
C ARG A 229 -0.38 37.55 -16.76
N SER A 230 -0.80 36.29 -16.77
CA SER A 230 -1.94 35.83 -16.00
C SER A 230 -1.64 34.45 -15.47
N SER A 231 -2.20 34.13 -14.30
CA SER A 231 -1.93 32.86 -13.65
C SER A 231 -3.20 32.32 -13.00
N CYS A 232 -3.35 31.00 -13.03
CA CYS A 232 -4.45 30.29 -12.37
C CYS A 232 -4.05 30.02 -10.92
N THR A 233 -4.76 30.66 -9.98
CA THR A 233 -4.41 30.54 -8.57
C THR A 233 -5.67 30.72 -7.73
N ILE A 234 -5.49 30.77 -6.41
CA ILE A 234 -6.59 30.93 -5.46
C ILE A 234 -6.46 32.30 -4.81
N ASN A 235 -7.46 33.16 -5.03
CA ASN A 235 -7.44 34.52 -4.50
C ASN A 235 -8.21 34.56 -3.19
N TRP A 236 -7.48 34.42 -2.08
CA TRP A 236 -8.11 34.41 -0.77
C TRP A 236 -8.61 35.81 -0.40
N PRO A 237 -9.78 35.93 0.21
CA PRO A 237 -10.32 37.26 0.55
C PRO A 237 -9.57 37.96 1.67
N GLY A 238 -8.25 38.11 1.51
CA GLY A 238 -7.46 38.78 2.54
C GLY A 238 -7.00 40.17 2.13
N GLY A 241 -0.54 37.42 4.87
CA GLY A 241 -1.96 37.17 5.00
C GLY A 241 -2.27 36.06 5.99
N ALA A 242 -3.51 36.06 6.50
CA ALA A 242 -3.93 35.06 7.46
C ALA A 242 -4.60 33.86 6.80
N TRP A 243 -5.29 34.08 5.67
CA TRP A 243 -5.99 32.97 5.02
C TRP A 243 -5.03 31.93 4.47
N TYR A 244 -3.86 32.35 3.99
CA TYR A 244 -2.86 31.40 3.52
C TYR A 244 -2.33 30.54 4.65
N THR A 245 -1.96 31.18 5.77
CA THR A 245 -1.48 30.44 6.92
C THR A 245 -2.55 29.52 7.49
N GLY A 246 -3.83 29.90 7.35
CA GLY A 246 -4.90 29.01 7.75
C GLY A 246 -5.05 27.83 6.81
N PHE A 247 -4.88 28.07 5.51
CA PHE A 247 -5.03 27.00 4.53
C PHE A 247 -3.94 25.95 4.67
N ILE A 248 -2.71 26.39 4.96
CA ILE A 248 -1.60 25.45 5.11
C ILE A 248 -1.89 24.47 6.26
N ILE A 249 -2.39 24.98 7.38
CA ILE A 249 -2.68 24.12 8.52
C ILE A 249 -3.91 23.26 8.25
N TYR A 250 -4.94 23.83 7.63
CA TYR A 250 -6.13 23.08 7.28
C TYR A 250 -5.79 21.86 6.42
N THR A 251 -4.85 22.03 5.49
CA THR A 251 -4.47 20.91 4.63
C THR A 251 -3.51 19.98 5.34
N PHE A 252 -2.59 20.50 6.14
CA PHE A 252 -1.65 19.62 6.81
C PHE A 252 -2.38 18.72 7.81
N ILE A 253 -3.47 19.20 8.39
CA ILE A 253 -4.17 18.41 9.40
C ILE A 253 -5.17 17.47 8.76
N LEU A 254 -5.90 17.89 7.71
CA LEU A 254 -6.87 16.97 7.12
C LEU A 254 -6.25 16.07 6.06
N GLY A 255 -5.00 16.30 5.68
CA GLY A 255 -4.39 15.54 4.60
C GLY A 255 -3.30 14.57 4.97
N PHE A 256 -2.57 14.84 6.05
CA PHE A 256 -1.42 14.01 6.36
C PHE A 256 -1.52 13.33 7.73
N LEU A 257 -1.92 14.06 8.76
CA LEU A 257 -1.80 13.59 10.14
C LEU A 257 -2.91 12.57 10.48
N VAL A 258 -4.16 13.01 10.34
CA VAL A 258 -5.28 12.18 10.78
C VAL A 258 -5.38 10.86 10.01
N PRO A 259 -5.10 10.80 8.71
CA PRO A 259 -5.10 9.47 8.06
C PRO A 259 -3.93 8.61 8.47
N LEU A 260 -2.75 9.20 8.63
CA LEU A 260 -1.58 8.39 8.94
C LEU A 260 -1.66 7.79 10.33
N THR A 261 -2.30 8.47 11.28
CA THR A 261 -2.44 7.87 12.61
C THR A 261 -3.31 6.61 12.55
N ILE A 262 -4.45 6.68 11.84
CA ILE A 262 -5.32 5.52 11.71
C ILE A 262 -4.61 4.37 10.99
N ILE A 263 -3.88 4.69 9.92
CA ILE A 263 -3.17 3.64 9.18
C ILE A 263 -2.12 2.99 10.07
N CYS A 264 -1.38 3.79 10.83
CA CYS A 264 -0.35 3.25 11.70
C CYS A 264 -0.94 2.34 12.76
N LEU A 265 -2.10 2.72 13.31
CA LEU A 265 -2.72 1.86 14.33
C LEU A 265 -3.19 0.54 13.72
N CYS A 266 -3.84 0.61 12.54
CA CYS A 266 -4.28 -0.62 11.88
C CYS A 266 -3.12 -1.57 11.65
N TYR A 267 -2.01 -1.06 11.12
CA TYR A 267 -0.91 -1.99 10.81
C TYR A 267 -0.13 -2.43 12.04
N LEU A 268 -0.03 -1.59 13.06
CA LEU A 268 0.58 -2.01 14.31
C LEU A 268 -0.18 -3.18 14.92
N PHE A 269 -1.51 -3.17 14.80
CA PHE A 269 -2.28 -4.32 15.29
C PHE A 269 -2.18 -5.52 14.34
N ILE A 270 -2.16 -5.29 13.03
CA ILE A 270 -2.11 -6.38 12.06
C ILE A 270 -0.82 -7.19 12.22
N ILE A 271 0.30 -6.51 12.48
CA ILE A 271 1.59 -7.19 12.55
C ILE A 271 1.62 -8.17 13.71
N ILE A 272 1.14 -7.77 14.89
CA ILE A 272 1.22 -8.65 16.04
C ILE A 272 0.43 -9.92 15.75
N LYS A 273 -0.76 -9.78 15.18
CA LYS A 273 -1.61 -10.93 14.89
C LYS A 273 -0.91 -11.87 13.92
N VAL A 274 -0.34 -11.34 12.83
CA VAL A 274 0.30 -12.24 11.87
C VAL A 274 1.47 -12.95 12.54
N LYS A 275 2.30 -12.19 13.27
CA LYS A 275 3.49 -12.78 13.88
C LYS A 275 3.13 -13.89 14.87
N SER A 276 1.95 -13.81 15.49
CA SER A 276 1.62 -14.81 16.51
C SER A 276 0.91 -16.05 15.95
N VAL A 277 0.02 -15.87 14.97
CA VAL A 277 -0.79 -16.97 14.48
C VAL A 277 0.04 -17.93 13.64
N ARG A 278 -0.49 -19.15 13.49
CA ARG A 278 0.11 -20.19 12.66
C ARG A 278 -0.62 -20.34 11.32
N LEU A 279 -1.95 -20.36 11.36
CA LEU A 279 -2.79 -20.44 10.16
C LEU A 279 -3.88 -19.39 10.32
N LEU A 280 -4.05 -18.54 9.30
CA LEU A 280 -4.95 -17.40 9.47
C LEU A 280 -6.41 -17.77 9.26
N SER A 281 -6.70 -18.67 8.31
CA SER A 281 -8.08 -18.91 7.92
C SER A 281 -8.47 -20.38 7.87
N GLY A 282 -7.59 -21.29 8.28
CA GLY A 282 -7.90 -22.70 8.33
C GLY A 282 -7.34 -23.50 7.17
N SER A 283 -6.94 -22.86 6.09
CA SER A 283 -6.34 -23.53 4.94
C SER A 283 -5.11 -22.74 4.50
N ARG A 284 -4.18 -23.44 3.85
CA ARG A 284 -2.95 -22.79 3.43
C ARG A 284 -3.17 -21.83 2.27
N GLU A 285 -4.18 -22.08 1.43
CA GLU A 285 -4.42 -21.20 0.28
C GLU A 285 -4.96 -19.85 0.72
N LYS A 286 -5.95 -19.86 1.63
CA LYS A 286 -6.49 -18.60 2.12
C LYS A 286 -5.45 -17.81 2.90
N ASP A 287 -4.69 -18.50 3.74
CA ASP A 287 -3.58 -17.87 4.45
C ASP A 287 -2.61 -17.21 3.47
N ARG A 288 -2.22 -17.95 2.42
CA ARG A 288 -1.27 -17.42 1.45
C ARG A 288 -1.80 -16.18 0.75
N ASN A 289 -3.08 -16.21 0.36
CA ASN A 289 -3.66 -15.07 -0.35
C ASN A 289 -3.75 -13.85 0.55
N LEU A 290 -4.19 -14.05 1.79
CA LEU A 290 -4.25 -12.95 2.76
C LEU A 290 -2.88 -12.33 2.92
N ARG A 291 -1.85 -13.16 3.10
CA ARG A 291 -0.50 -12.65 3.32
C ARG A 291 0.03 -11.91 2.10
N ARG A 292 -0.39 -12.28 0.88
CA ARG A 292 0.05 -11.52 -0.29
C ARG A 292 -0.62 -10.15 -0.36
N VAL A 293 -1.96 -10.12 -0.21
CA VAL A 293 -2.68 -8.87 -0.39
C VAL A 293 -2.31 -7.85 0.68
N THR A 294 -2.13 -8.29 1.92
CA THR A 294 -1.79 -7.33 2.96
C THR A 294 -0.44 -6.68 2.69
N ARG A 295 0.53 -7.45 2.19
CA ARG A 295 1.85 -6.91 1.89
C ARG A 295 1.78 -5.93 0.72
N MET A 296 1.00 -6.27 -0.32
CA MET A 296 0.84 -5.33 -1.42
C MET A 296 0.29 -3.99 -0.93
N VAL A 297 -0.75 -4.03 -0.10
CA VAL A 297 -1.36 -2.78 0.37
C VAL A 297 -0.37 -1.98 1.21
N SER A 298 0.39 -2.65 2.07
CA SER A 298 1.36 -1.95 2.89
C SER A 298 2.43 -1.27 2.04
N ILE A 299 2.86 -1.93 0.97
CA ILE A 299 3.90 -1.33 0.12
C ILE A 299 3.35 -0.12 -0.62
N VAL A 300 2.10 -0.20 -1.09
CA VAL A 300 1.48 0.95 -1.73
C VAL A 300 1.44 2.15 -0.79
N VAL A 301 1.06 1.91 0.48
CA VAL A 301 0.97 3.02 1.42
C VAL A 301 2.35 3.60 1.72
N ALA A 302 3.36 2.73 1.83
CA ALA A 302 4.71 3.24 2.09
C ALA A 302 5.20 4.11 0.93
N VAL A 303 4.92 3.71 -0.30
CA VAL A 303 5.31 4.53 -1.45
C VAL A 303 4.61 5.88 -1.41
N PHE A 304 3.32 5.90 -1.09
CA PHE A 304 2.61 7.17 -0.96
C PHE A 304 3.30 8.09 0.04
N ILE A 305 3.56 7.57 1.25
CA ILE A 305 4.20 8.38 2.29
C ILE A 305 5.53 8.93 1.79
N PHE A 306 6.33 8.06 1.16
CA PHE A 306 7.64 8.48 0.66
C PHE A 306 7.50 9.64 -0.32
N CYS A 307 6.50 9.58 -1.20
CA CYS A 307 6.39 10.62 -2.23
C CYS A 307 5.82 11.92 -1.68
N TRP A 308 4.95 11.87 -0.67
CA TRP A 308 4.30 13.08 -0.18
C TRP A 308 4.91 13.69 1.08
N LEU A 309 5.96 13.11 1.66
CA LEU A 309 6.52 13.71 2.86
C LEU A 309 7.25 15.03 2.62
N PRO A 310 8.20 15.13 1.66
CA PRO A 310 8.96 16.39 1.52
C PRO A 310 8.10 17.61 1.25
N PHE A 311 7.00 17.45 0.53
CA PHE A 311 6.10 18.57 0.25
C PHE A 311 5.60 19.21 1.54
N TYR A 312 5.11 18.38 2.47
CA TYR A 312 4.59 18.90 3.73
C TYR A 312 5.71 19.43 4.62
N ILE A 313 6.86 18.76 4.62
CA ILE A 313 8.01 19.29 5.37
C ILE A 313 8.33 20.70 4.90
N PHE A 314 8.39 20.90 3.58
CA PHE A 314 8.72 22.21 3.02
C PHE A 314 7.67 23.25 3.38
N ASN A 315 6.39 22.91 3.19
CA ASN A 315 5.33 23.88 3.47
C ASN A 315 5.35 24.30 4.93
N VAL A 316 5.42 23.35 5.85
CA VAL A 316 5.38 23.69 7.27
C VAL A 316 6.65 24.45 7.68
N SER A 317 7.80 24.11 7.09
CA SER A 317 9.02 24.83 7.40
C SER A 317 8.95 26.27 6.93
N SER A 318 8.38 26.50 5.75
CA SER A 318 8.26 27.87 5.26
C SER A 318 7.25 28.67 6.07
N VAL A 319 6.19 28.02 6.57
CA VAL A 319 5.20 28.75 7.35
C VAL A 319 5.77 29.10 8.73
N SER A 320 6.43 28.14 9.38
CA SER A 320 6.85 28.33 10.76
C SER A 320 7.89 29.45 10.88
N MET A 321 9.04 29.29 10.25
CA MET A 321 10.12 30.27 10.33
C MET A 321 10.08 31.20 9.12
N ALA A 322 10.39 32.47 9.35
CA ALA A 322 10.43 33.44 8.26
C ALA A 322 11.64 33.18 7.38
N ILE A 323 11.39 32.82 6.12
CA ILE A 323 12.44 32.58 5.14
C ILE A 323 12.23 33.54 3.99
N SER A 324 13.22 34.40 3.75
CA SER A 324 13.14 35.34 2.64
C SER A 324 13.37 34.60 1.33
N PRO A 325 12.53 34.80 0.32
CA PRO A 325 12.69 34.05 -0.93
C PRO A 325 14.02 34.35 -1.60
N THR A 326 14.69 33.30 -2.06
CA THR A 326 15.93 33.35 -2.81
C THR A 326 15.74 32.57 -4.10
N PRO A 327 16.64 32.76 -5.08
CA PRO A 327 16.55 31.95 -6.30
C PRO A 327 16.58 30.44 -6.03
N ALA A 328 17.23 30.02 -4.95
CA ALA A 328 17.28 28.60 -4.62
C ALA A 328 15.95 28.07 -4.12
N LEU A 329 15.02 28.95 -3.75
CA LEU A 329 13.73 28.52 -3.21
C LEU A 329 12.75 28.10 -4.30
N LYS A 330 13.10 28.26 -5.57
CA LYS A 330 12.20 27.85 -6.66
C LYS A 330 12.48 26.43 -7.12
N GLY A 331 13.76 26.06 -7.21
CA GLY A 331 14.11 24.72 -7.66
C GLY A 331 13.61 23.66 -6.71
N MET A 332 13.75 23.89 -5.40
CA MET A 332 13.26 22.94 -4.42
C MET A 332 11.76 22.74 -4.54
N PHE A 333 11.02 23.84 -4.69
CA PHE A 333 9.57 23.75 -4.79
C PHE A 333 9.15 22.99 -6.05
N ASP A 334 9.78 23.31 -7.19
CA ASP A 334 9.45 22.60 -8.42
C ASP A 334 9.77 21.11 -8.30
N PHE A 335 10.90 20.79 -7.67
CA PHE A 335 11.29 19.40 -7.49
C PHE A 335 10.27 18.64 -6.66
N VAL A 336 9.87 19.21 -5.52
CA VAL A 336 8.96 18.49 -4.64
C VAL A 336 7.59 18.35 -5.28
N VAL A 337 7.15 19.36 -6.03
CA VAL A 337 5.84 19.26 -6.69
C VAL A 337 5.85 18.17 -7.75
N VAL A 338 6.89 18.11 -8.60
CA VAL A 338 6.90 17.06 -9.61
C VAL A 338 7.09 15.69 -8.97
N LEU A 339 7.73 15.65 -7.79
CA LEU A 339 7.83 14.40 -7.05
C LEU A 339 6.44 13.92 -6.63
N THR A 340 5.61 14.83 -6.13
CA THR A 340 4.23 14.45 -5.79
C THR A 340 3.52 13.91 -7.03
N TYR A 341 3.63 14.63 -8.16
CA TYR A 341 2.90 14.22 -9.37
C TYR A 341 3.30 12.82 -9.84
N ALA A 342 4.55 12.40 -9.59
CA ALA A 342 5.03 11.09 -10.06
C ALA A 342 4.27 9.92 -9.43
N ASN A 343 3.73 10.10 -8.22
CA ASN A 343 3.11 8.98 -7.51
C ASN A 343 1.98 8.35 -8.31
N SER A 344 1.20 9.16 -9.03
CA SER A 344 0.05 8.60 -9.74
C SER A 344 0.52 7.60 -10.81
N CYS A 345 1.65 7.90 -11.45
CA CYS A 345 2.26 6.99 -12.41
C CYS A 345 2.79 5.73 -11.73
N ALA A 346 3.32 5.87 -10.51
CA ALA A 346 3.98 4.73 -9.88
C ALA A 346 3.01 3.58 -9.55
N ASN A 347 1.79 3.88 -9.09
CA ASN A 347 0.90 2.83 -8.62
C ASN A 347 0.51 1.74 -9.63
N PRO A 348 0.19 2.02 -10.90
CA PRO A 348 -0.07 0.93 -11.86
C PRO A 348 1.11 0.04 -12.19
N ILE A 349 2.33 0.38 -11.77
CA ILE A 349 3.47 -0.51 -12.00
C ILE A 349 3.62 -1.55 -10.88
N LEU A 350 3.30 -1.19 -9.64
CA LEU A 350 3.41 -2.14 -8.53
C LEU A 350 2.48 -3.33 -8.71
N TYR A 351 1.24 -3.09 -9.14
CA TYR A 351 0.26 -4.17 -9.29
C TYR A 351 0.73 -5.27 -10.21
N ALA A 352 1.76 -5.03 -11.03
CA ALA A 352 2.25 -6.03 -11.96
C ALA A 352 3.26 -6.97 -11.30
N PHE A 353 4.10 -6.43 -10.42
CA PHE A 353 5.10 -7.23 -9.73
C PHE A 353 4.52 -7.92 -8.50
N LEU A 354 3.69 -7.21 -7.73
CA LEU A 354 3.28 -7.70 -6.43
C LEU A 354 2.02 -8.56 -6.49
N SER A 355 1.42 -8.68 -7.67
CA SER A 355 0.21 -9.49 -7.87
C SER A 355 0.46 -10.49 -8.99
N ASP A 356 -0.46 -11.43 -9.12
CA ASP A 356 -0.38 -12.43 -10.18
C ASP A 356 -1.59 -12.40 -11.10
N ASN A 357 -2.78 -12.13 -10.56
CA ASN A 357 -3.96 -11.98 -11.40
C ASN A 357 -3.84 -10.77 -12.31
N PHE A 358 -3.31 -9.67 -11.77
CA PHE A 358 -3.14 -8.47 -12.59
C PHE A 358 -2.12 -8.68 -13.69
N LYS A 359 -1.04 -9.42 -13.40
CA LYS A 359 -0.05 -9.69 -14.43
C LYS A 359 -0.60 -10.61 -15.51
N LYS A 360 -1.30 -11.67 -15.10
CA LYS A 360 -1.94 -12.55 -16.07
C LYS A 360 -2.90 -11.78 -16.97
N SER A 361 -3.71 -10.89 -16.38
CA SER A 361 -4.69 -10.15 -17.17
C SER A 361 -4.00 -9.16 -18.10
N PHE A 362 -2.97 -8.46 -17.62
CA PHE A 362 -2.25 -7.51 -18.46
C PHE A 362 -1.63 -8.23 -19.66
N GLN A 363 -1.06 -9.42 -19.43
CA GLN A 363 -0.48 -10.17 -20.53
C GLN A 363 -1.56 -10.62 -21.51
N ASN A 364 -2.64 -11.22 -20.99
CA ASN A 364 -3.71 -11.69 -21.86
C ASN A 364 -4.30 -10.57 -22.70
N VAL A 365 -4.35 -9.35 -22.17
CA VAL A 365 -4.91 -8.23 -22.91
C VAL A 365 -3.91 -7.69 -23.92
N LEU A 366 -2.71 -7.34 -23.47
CA LEU A 366 -1.76 -6.65 -24.34
C LEU A 366 -1.25 -7.57 -25.44
N CYS A 367 -0.87 -8.79 -25.09
CA CYS A 367 -0.33 -9.72 -26.09
C CYS A 367 -1.45 -10.34 -26.91
N GLN B 3 15.26 -25.46 1.91
CA GLN B 3 15.88 -24.30 2.56
C GLN B 3 16.40 -24.67 3.94
N VAL B 4 15.60 -25.41 4.70
CA VAL B 4 15.98 -25.84 6.02
C VAL B 4 16.77 -27.14 5.93
N GLN B 5 17.56 -27.42 6.96
CA GLN B 5 18.36 -28.63 7.04
C GLN B 5 18.14 -29.27 8.40
N LEU B 6 17.87 -30.58 8.40
CA LEU B 6 17.57 -31.32 9.62
C LEU B 6 18.58 -32.46 9.76
N GLN B 7 19.21 -32.53 10.93
CA GLN B 7 20.21 -33.54 11.23
C GLN B 7 19.75 -34.37 12.42
N GLU B 8 19.78 -35.69 12.27
CA GLU B 8 19.41 -36.61 13.34
C GLU B 8 20.66 -37.25 13.94
N SER B 9 20.54 -37.64 15.20
CA SER B 9 21.63 -38.26 15.93
C SER B 9 21.18 -39.58 16.54
N GLY B 10 22.11 -40.52 16.59
CA GLY B 10 21.87 -41.86 17.14
C GLY B 10 20.66 -42.54 16.49
N LEU B 20 17.99 -45.64 25.12
CA LEU B 20 18.23 -44.99 23.84
C LEU B 20 17.88 -43.51 23.91
N ARG B 21 18.47 -42.72 23.01
CA ARG B 21 18.19 -41.29 22.94
C ARG B 21 18.25 -40.87 21.49
N LEU B 22 17.17 -40.26 21.00
CA LEU B 22 17.11 -39.72 19.64
C LEU B 22 17.00 -38.20 19.68
N SER B 23 17.72 -37.53 18.79
CA SER B 23 17.71 -36.08 18.75
C SER B 23 17.68 -35.59 17.31
N CYS B 24 16.87 -34.55 17.08
CA CYS B 24 16.75 -33.91 15.77
C CYS B 24 17.02 -32.42 15.93
N ALA B 25 17.90 -31.89 15.08
CA ALA B 25 18.28 -30.48 15.10
C ALA B 25 18.03 -29.84 13.75
N ALA B 26 17.70 -28.55 13.77
CA ALA B 26 17.36 -27.80 12.56
C ALA B 26 18.27 -26.59 12.41
N SER B 27 18.66 -26.30 11.18
CA SER B 27 19.52 -25.16 10.89
C SER B 27 19.21 -24.64 9.49
N GLY B 28 19.58 -23.38 9.25
CA GLY B 28 19.35 -22.77 7.95
C GLY B 28 18.90 -21.32 8.03
N THR B 29 18.00 -20.93 7.14
CA THR B 29 17.41 -19.59 7.09
C THR B 29 15.93 -19.76 7.44
N ILE B 30 15.60 -19.54 8.70
CA ILE B 30 14.27 -19.77 9.23
C ILE B 30 13.75 -18.54 9.97
N PHE B 31 12.42 -18.37 9.97
CA PHE B 31 11.79 -17.30 10.73
C PHE B 31 11.22 -17.83 12.04
N ARG B 32 10.38 -18.87 11.96
CA ARG B 32 9.81 -19.49 13.14
C ARG B 32 9.62 -20.97 12.88
N LEU B 33 9.49 -21.74 13.97
CA LEU B 33 9.37 -23.19 13.91
C LEU B 33 8.11 -23.60 14.66
N TYR B 34 7.19 -24.23 13.94
CA TYR B 34 5.95 -24.75 14.50
C TYR B 34 6.16 -26.21 14.90
N ASP B 35 5.06 -26.93 15.13
CA ASP B 35 5.13 -28.26 15.75
C ASP B 35 6.09 -29.19 15.00
N MET B 36 6.85 -29.95 15.77
CA MET B 36 7.79 -30.93 15.23
C MET B 36 7.34 -32.34 15.55
N GLY B 37 7.91 -33.33 14.87
CA GLY B 37 7.46 -34.68 15.09
C GLY B 37 8.43 -35.76 14.63
N TRP B 38 8.23 -36.94 15.20
CA TRP B 38 8.96 -38.16 14.82
C TRP B 38 7.96 -39.15 14.23
N TYR B 39 8.25 -39.60 13.00
CA TYR B 39 7.41 -40.54 12.28
C TYR B 39 8.12 -41.88 12.14
N ARG B 40 7.33 -42.95 12.07
CA ARG B 40 7.88 -44.30 11.95
C ARG B 40 8.38 -44.56 10.54
N LEU B 49 2.97 -41.58 12.59
CA LEU B 49 3.08 -40.65 13.70
C LEU B 49 3.39 -41.38 14.99
N VAL B 50 4.59 -41.13 15.54
CA VAL B 50 5.01 -41.77 16.78
C VAL B 50 5.20 -40.71 17.85
N ALA B 51 5.49 -39.48 17.44
CA ALA B 51 5.69 -38.41 18.40
C ALA B 51 5.43 -37.07 17.72
N SER B 52 5.03 -36.09 18.52
CA SER B 52 4.79 -34.75 18.00
C SER B 52 4.70 -33.78 19.17
N ILE B 53 5.23 -32.57 18.99
CA ILE B 53 5.27 -31.57 20.05
C ILE B 53 4.98 -30.21 19.42
N THR B 54 3.84 -29.63 19.78
CA THR B 54 3.43 -28.30 19.34
C THR B 54 4.42 -27.26 19.86
N SER B 55 4.49 -26.12 19.19
CA SER B 55 5.45 -25.09 19.57
C SER B 55 5.27 -24.60 21.00
N GLY B 56 4.19 -24.99 21.68
CA GLY B 56 3.96 -24.60 23.06
C GLY B 56 3.92 -25.77 24.03
N GLY B 57 4.78 -26.77 23.84
CA GLY B 57 4.88 -27.87 24.77
C GLY B 57 3.75 -28.87 24.76
N SER B 58 2.68 -28.62 24.01
CA SER B 58 1.48 -29.47 24.02
C SER B 58 1.78 -30.76 23.26
N THR B 59 2.43 -31.69 23.95
CA THR B 59 2.78 -32.96 23.33
C THR B 59 1.55 -33.79 23.03
N LYS B 60 1.72 -34.78 22.14
CA LYS B 60 0.64 -35.69 21.78
C LYS B 60 1.26 -36.97 21.23
N TYR B 61 1.18 -38.05 22.00
CA TYR B 61 1.76 -39.32 21.61
C TYR B 61 0.74 -40.17 20.86
N GLY B 62 1.21 -40.92 19.87
CA GLY B 62 0.35 -41.80 19.10
C GLY B 62 0.09 -41.30 17.70
N PHE B 69 7.15 -44.04 25.15
CA PHE B 69 8.28 -43.11 25.12
C PHE B 69 7.87 -41.73 25.64
N THR B 70 8.85 -40.84 25.73
CA THR B 70 8.60 -39.46 26.11
C THR B 70 9.39 -38.53 25.20
N ILE B 71 8.78 -37.42 24.83
CA ILE B 71 9.37 -36.47 23.89
C ILE B 71 9.51 -35.12 24.58
N SER B 72 10.61 -34.43 24.29
CA SER B 72 10.87 -33.11 24.83
C SER B 72 11.41 -32.22 23.72
N ARG B 73 11.38 -30.91 23.97
CA ARG B 73 11.78 -29.95 22.95
C ARG B 73 12.46 -28.77 23.61
N ASP B 74 13.58 -28.34 23.03
CA ASP B 74 14.30 -27.15 23.46
C ASP B 74 14.28 -26.16 22.31
N ASN B 75 13.55 -25.06 22.49
CA ASN B 75 13.37 -24.08 21.44
C ASN B 75 14.47 -23.02 21.41
N ALA B 76 15.42 -23.07 22.36
CA ALA B 76 16.55 -22.16 22.30
C ALA B 76 17.48 -22.53 21.16
N LYS B 77 17.64 -23.83 20.91
CA LYS B 77 18.49 -24.35 19.85
C LYS B 77 17.72 -25.07 18.75
N ASN B 78 16.38 -25.09 18.83
CA ASN B 78 15.54 -25.76 17.85
C ASN B 78 15.88 -27.25 17.76
N THR B 79 15.66 -27.95 18.88
CA THR B 79 16.03 -29.36 18.99
C THR B 79 14.90 -30.13 19.63
N VAL B 80 14.72 -31.38 19.19
CA VAL B 80 13.69 -32.27 19.73
C VAL B 80 14.30 -33.61 20.09
N TYR B 81 14.06 -34.05 21.32
CA TYR B 81 14.58 -35.31 21.82
C TYR B 81 13.44 -36.28 22.06
N LEU B 82 13.72 -37.57 21.87
CA LEU B 82 12.78 -38.65 22.14
C LEU B 82 13.52 -39.75 22.87
N GLN B 83 12.88 -40.31 23.89
CA GLN B 83 13.47 -41.39 24.66
C GLN B 83 12.50 -42.56 24.79
N THR B 92 15.38 -52.05 14.89
CA THR B 92 13.95 -52.35 14.86
C THR B 92 13.34 -51.94 13.53
N ALA B 93 13.35 -50.64 13.25
CA ALA B 93 12.79 -50.09 12.03
C ALA B 93 13.43 -48.73 11.78
N VAL B 94 12.89 -48.01 10.81
CA VAL B 94 13.40 -46.69 10.44
C VAL B 94 12.56 -45.62 11.13
N TYR B 95 13.20 -44.50 11.44
CA TYR B 95 12.53 -43.39 12.11
C TYR B 95 12.96 -42.09 11.45
N TYR B 96 11.98 -41.29 11.04
CA TYR B 96 12.25 -40.01 10.39
C TYR B 96 11.81 -38.86 11.26
N CYS B 97 12.38 -37.69 10.98
CA CYS B 97 12.09 -36.45 11.67
C CYS B 97 11.35 -35.51 10.71
N ASN B 98 10.47 -34.67 11.26
CA ASN B 98 9.67 -33.78 10.44
C ASN B 98 9.48 -32.47 11.18
N ALA B 99 9.59 -31.37 10.43
CA ALA B 99 9.44 -30.04 11.02
C ALA B 99 8.58 -29.17 10.12
N GLU B 100 8.03 -28.11 10.69
CA GLU B 100 7.25 -27.12 9.97
C GLU B 100 7.87 -25.74 10.19
N TYR B 101 7.83 -24.89 9.16
CA TYR B 101 8.58 -23.66 9.23
C TYR B 101 8.04 -22.65 8.23
N ARG B 102 8.38 -21.39 8.49
CA ARG B 102 8.20 -20.27 7.57
C ARG B 102 9.55 -19.58 7.41
N THR B 103 9.85 -19.10 6.21
CA THR B 103 11.10 -18.38 5.96
C THR B 103 10.93 -16.88 6.05
N GLY B 104 9.70 -16.38 6.19
CA GLY B 104 9.46 -14.96 6.29
C GLY B 104 8.14 -14.71 6.99
N ILE B 105 7.81 -13.43 7.15
CA ILE B 105 6.57 -13.07 7.84
C ILE B 105 5.38 -13.08 6.88
N TRP B 106 5.62 -12.83 5.60
CA TRP B 106 4.57 -12.74 4.60
C TRP B 106 4.54 -13.95 3.67
N GLU B 107 5.08 -15.07 4.11
CA GLU B 107 5.29 -16.24 3.25
C GLU B 107 4.33 -17.36 3.63
N GLU B 108 4.52 -18.51 2.99
CA GLU B 108 3.63 -19.65 3.12
C GLU B 108 4.22 -20.68 4.09
N LEU B 109 3.34 -21.48 4.68
CA LEU B 109 3.77 -22.50 5.63
C LEU B 109 4.31 -23.71 4.86
N LEU B 110 5.53 -24.13 5.22
CA LEU B 110 6.16 -25.27 4.57
C LEU B 110 6.55 -26.30 5.63
N ASP B 111 6.88 -27.51 5.18
CA ASP B 111 7.36 -28.54 6.08
C ASP B 111 8.51 -29.30 5.45
N GLY B 112 9.51 -29.58 6.27
CA GLY B 112 10.71 -30.28 5.81
C GLY B 112 10.85 -31.63 6.47
N TRP B 113 11.28 -32.61 5.67
CA TRP B 113 11.54 -33.96 6.14
C TRP B 113 13.03 -34.13 6.42
N GLY B 114 13.40 -35.33 6.87
CA GLY B 114 14.78 -35.64 7.18
C GLY B 114 15.19 -36.99 6.62
N GLN B 115 16.41 -37.37 6.93
CA GLN B 115 16.95 -38.66 6.51
C GLN B 115 16.41 -39.75 7.43
N GLY B 116 16.97 -40.96 7.34
CA GLY B 116 16.55 -42.07 8.16
C GLY B 116 17.59 -42.48 9.18
N THR B 117 17.13 -43.29 10.14
CA THR B 117 17.98 -43.84 11.19
C THR B 117 17.57 -45.28 11.44
N GLN B 118 18.53 -46.08 11.89
CA GLN B 118 18.29 -47.49 12.19
C GLN B 118 18.35 -47.71 13.69
N VAL B 119 17.31 -48.34 14.23
CA VAL B 119 17.23 -48.61 15.66
C VAL B 119 18.04 -49.86 15.99
#